data_1OH9
#
_entry.id   1OH9
#
_cell.length_a   59.457
_cell.length_b   72.220
_cell.length_c   107.214
_cell.angle_alpha   90.00
_cell.angle_beta   90.00
_cell.angle_gamma   90.00
#
_symmetry.space_group_name_H-M   'C 2 2 21'
#
loop_
_entity.id
_entity.type
_entity.pdbx_description
1 polymer 'ACETYLGLUTAMATE KINASE'
2 non-polymer "ADENOSINE-5'-DIPHOSPHATE"
3 non-polymer N-ACETYL-L-GLUTAMATE
4 non-polymer 'TETRAFLUOROALUMINATE ION'
5 non-polymer 'MAGNESIUM ION'
6 water water
#
_entity_poly.entity_id   1
_entity_poly.type   'polypeptide(L)'
_entity_poly.pdbx_seq_one_letter_code
;MMNPLIIKLGGVLLDSEEALERLFSALVNYRESHQRPLVIVHGGGCVVDELMKGLNLPVKKKNGLRVTPADQIDIITGAL
AGTANKTLLAWAKKHQIAAVGLFLGDGDSVKVTQLDEELGHVGLAQPGSPKLINSLLENGYLPVVSSIGVTDEGQLMNVN
ADQAATALAATLGADLILLSDVSGILDGKGQRIAEMTAAKAEQLIEQGIITDGMIVKVNAALDAARTLGRPVDIASWRHA
EQLPALFNGMPMGTRILA
;
_entity_poly.pdbx_strand_id   A
#
loop_
_chem_comp.id
_chem_comp.type
_chem_comp.name
_chem_comp.formula
ADP non-polymer ADENOSINE-5'-DIPHOSPHATE 'C10 H15 N5 O10 P2'
ALF non-polymer 'TETRAFLUOROALUMINATE ION' 'Al F4 -1'
MG non-polymer 'MAGNESIUM ION' 'Mg 2'
NLG non-polymer N-ACETYL-L-GLUTAMATE 'C7 H11 N O5'
#
# COMPACT_ATOMS: atom_id res chain seq x y z
N MET A 1 15.29 -17.48 4.82
CA MET A 1 15.40 -16.01 4.63
C MET A 1 14.59 -15.30 5.71
N MET A 2 14.99 -14.08 6.05
CA MET A 2 14.31 -13.29 7.07
C MET A 2 12.89 -12.93 6.63
N ASN A 3 12.06 -12.46 7.58
CA ASN A 3 10.71 -12.05 7.23
C ASN A 3 10.88 -10.79 6.39
N PRO A 4 10.21 -10.74 5.24
CA PRO A 4 10.36 -9.55 4.39
C PRO A 4 9.75 -8.32 5.06
N LEU A 5 10.00 -7.16 4.46
CA LEU A 5 9.43 -5.91 4.94
C LEU A 5 8.68 -5.34 3.74
N ILE A 6 7.39 -5.11 3.92
CA ILE A 6 6.59 -4.52 2.86
C ILE A 6 6.49 -3.02 3.08
N ILE A 7 6.88 -2.26 2.08
CA ILE A 7 6.78 -0.81 2.17
C ILE A 7 5.66 -0.44 1.21
N LYS A 8 4.55 0.07 1.76
CA LYS A 8 3.42 0.46 0.94
C LYS A 8 3.52 1.95 0.62
N LEU A 9 3.39 2.26 -0.66
CA LEU A 9 3.48 3.63 -1.14
C LEU A 9 2.13 4.09 -1.67
N GLY A 10 1.75 5.30 -1.27
CA GLY A 10 0.49 5.87 -1.73
C GLY A 10 0.54 7.39 -1.62
N GLY A 11 -0.55 8.05 -1.98
CA GLY A 11 -0.61 9.49 -1.92
C GLY A 11 -0.10 10.19 -3.17
N VAL A 12 0.20 11.47 -3.05
CA VAL A 12 0.69 12.25 -4.19
C VAL A 12 2.17 12.02 -4.48
N LEU A 13 2.80 11.17 -3.68
CA LEU A 13 4.22 10.83 -3.86
C LEU A 13 4.49 10.48 -5.30
N LEU A 14 3.66 9.57 -5.80
CA LEU A 14 3.76 9.07 -7.15
C LEU A 14 3.84 10.16 -8.22
N ASP A 15 3.51 11.40 -7.84
CA ASP A 15 3.56 12.50 -8.79
C ASP A 15 4.65 13.53 -8.49
N SER A 16 5.66 13.11 -7.74
CA SER A 16 6.77 14.00 -7.39
C SER A 16 8.11 13.34 -7.70
N GLU A 17 8.79 13.86 -8.71
CA GLU A 17 10.09 13.33 -9.13
C GLU A 17 11.11 13.45 -8.00
N GLU A 18 11.10 14.60 -7.32
CA GLU A 18 12.03 14.85 -6.23
C GLU A 18 11.79 13.86 -5.09
N ALA A 19 10.52 13.67 -4.74
CA ALA A 19 10.15 12.76 -3.67
C ALA A 19 10.51 11.32 -4.04
N LEU A 20 10.28 10.96 -5.29
CA LEU A 20 10.61 9.62 -5.77
C LEU A 20 12.11 9.40 -5.70
N GLU A 21 12.89 10.40 -6.10
CA GLU A 21 14.34 10.28 -6.06
C GLU A 21 14.84 10.10 -4.64
N ARG A 22 14.34 10.91 -3.71
CA ARG A 22 14.77 10.80 -2.32
C ARG A 22 14.36 9.44 -1.75
N LEU A 23 13.19 8.95 -2.15
CA LEU A 23 12.72 7.65 -1.67
C LEU A 23 13.61 6.52 -2.16
N PHE A 24 13.84 6.46 -3.48
CA PHE A 24 14.65 5.37 -4.02
C PHE A 24 16.10 5.44 -3.55
N SER A 25 16.59 6.63 -3.26
CA SER A 25 17.94 6.78 -2.75
C SER A 25 17.96 6.04 -1.42
N ALA A 26 16.95 6.28 -0.59
CA ALA A 26 16.82 5.66 0.72
C ALA A 26 16.61 4.14 0.61
N LEU A 27 15.88 3.72 -0.42
CA LEU A 27 15.62 2.29 -0.63
C LEU A 27 16.93 1.56 -0.94
N VAL A 28 17.72 2.14 -1.84
CA VAL A 28 19.00 1.55 -2.22
C VAL A 28 19.89 1.45 -0.99
N ASN A 29 19.98 2.55 -0.25
CA ASN A 29 20.79 2.56 0.96
C ASN A 29 20.37 1.46 1.92
N TYR A 30 19.07 1.29 2.11
CA TYR A 30 18.54 0.26 3.00
C TYR A 30 18.89 -1.14 2.48
N ARG A 31 18.57 -1.39 1.21
CA ARG A 31 18.84 -2.68 0.58
C ARG A 31 20.30 -3.08 0.68
N GLU A 32 21.19 -2.13 0.43
CA GLU A 32 22.62 -2.40 0.48
C GLU A 32 23.18 -2.48 1.89
N SER A 33 22.35 -2.24 2.90
CA SER A 33 22.83 -2.29 4.28
C SER A 33 21.96 -3.16 5.19
N HIS A 34 21.04 -3.92 4.61
CA HIS A 34 20.15 -4.80 5.37
C HIS A 34 19.92 -6.10 4.60
N GLN A 35 19.86 -7.22 5.31
CA GLN A 35 19.62 -8.51 4.68
C GLN A 35 18.14 -8.81 4.53
N ARG A 36 17.29 -8.09 5.26
CA ARG A 36 15.86 -8.30 5.19
C ARG A 36 15.37 -7.93 3.80
N PRO A 37 14.80 -8.89 3.07
CA PRO A 37 14.30 -8.63 1.70
C PRO A 37 13.14 -7.65 1.71
N LEU A 38 13.12 -6.77 0.72
CA LEU A 38 12.08 -5.77 0.59
C LEU A 38 11.02 -6.12 -0.45
N VAL A 39 9.81 -5.64 -0.22
CA VAL A 39 8.69 -5.82 -1.13
C VAL A 39 7.93 -4.51 -1.14
N ILE A 40 7.55 -4.03 -2.31
CA ILE A 40 6.81 -2.79 -2.41
C ILE A 40 5.39 -3.09 -2.89
N VAL A 41 4.43 -2.46 -2.23
CA VAL A 41 3.03 -2.57 -2.63
C VAL A 41 2.66 -1.12 -2.87
N HIS A 42 1.86 -0.83 -3.87
CA HIS A 42 1.53 0.57 -4.13
C HIS A 42 0.09 0.80 -4.53
N GLY A 43 -0.34 2.03 -4.30
CA GLY A 43 -1.69 2.41 -4.69
C GLY A 43 -1.51 3.34 -5.87
N GLY A 44 -2.19 4.47 -5.86
CA GLY A 44 -2.07 5.41 -6.96
C GLY A 44 -3.37 6.10 -7.27
N GLY A 45 -4.17 6.32 -6.23
CA GLY A 45 -5.46 6.97 -6.41
C GLY A 45 -5.30 8.28 -7.15
N CYS A 46 -4.17 8.95 -6.98
CA CYS A 46 -3.92 10.22 -7.64
C CYS A 46 -3.76 10.05 -9.15
N VAL A 47 -3.08 8.98 -9.56
CA VAL A 47 -2.90 8.71 -10.98
C VAL A 47 -4.28 8.44 -11.60
N VAL A 48 -5.13 7.78 -10.81
CA VAL A 48 -6.48 7.46 -11.27
C VAL A 48 -7.33 8.72 -11.35
N ASP A 49 -7.35 9.50 -10.27
CA ASP A 49 -8.13 10.73 -10.24
C ASP A 49 -7.76 11.65 -11.41
N GLU A 50 -6.48 11.74 -11.71
CA GLU A 50 -6.01 12.58 -12.81
C GLU A 50 -6.50 12.06 -14.15
N LEU A 51 -6.46 10.74 -14.33
CA LEU A 51 -6.91 10.14 -15.58
C LEU A 51 -8.42 10.27 -15.72
N MET A 52 -9.12 10.19 -14.59
CA MET A 52 -10.58 10.30 -14.60
C MET A 52 -11.03 11.68 -15.06
N LYS A 53 -10.40 12.73 -14.55
CA LYS A 53 -10.76 14.09 -14.95
C LYS A 53 -10.45 14.26 -16.43
N GLY A 54 -9.41 13.58 -16.89
CA GLY A 54 -9.03 13.66 -18.29
C GLY A 54 -10.12 13.05 -19.16
N LEU A 55 -10.99 12.28 -18.53
CA LEU A 55 -12.10 11.63 -19.21
C LEU A 55 -13.42 12.23 -18.74
N ASN A 56 -13.31 13.18 -17.81
CA ASN A 56 -14.47 13.86 -17.25
C ASN A 56 -15.41 12.90 -16.54
N LEU A 57 -14.83 11.93 -15.84
CA LEU A 57 -15.61 10.95 -15.10
C LEU A 57 -15.53 11.27 -13.61
N PRO A 58 -16.66 11.18 -12.90
CA PRO A 58 -16.69 11.47 -11.47
C PRO A 58 -16.02 10.38 -10.64
N VAL A 59 -15.60 10.76 -9.43
CA VAL A 59 -14.96 9.82 -8.53
C VAL A 59 -15.74 9.81 -7.22
N LYS A 60 -16.42 8.70 -6.95
CA LYS A 60 -17.21 8.57 -5.74
C LYS A 60 -16.60 7.48 -4.84
N LYS A 61 -16.39 7.84 -3.58
CA LYS A 61 -15.83 6.89 -2.62
C LYS A 61 -16.84 6.61 -1.53
N LYS A 62 -17.15 5.33 -1.35
CA LYS A 62 -18.12 4.90 -0.37
C LYS A 62 -17.40 4.15 0.76
N ASN A 63 -17.40 4.75 1.94
CA ASN A 63 -16.74 4.16 3.12
C ASN A 63 -15.22 4.09 2.91
N GLY A 64 -14.68 5.07 2.18
CA GLY A 64 -13.25 5.10 1.94
C GLY A 64 -12.79 4.32 0.72
N LEU A 65 -13.72 3.63 0.07
CA LEU A 65 -13.39 2.85 -1.13
C LEU A 65 -13.99 3.46 -2.39
N ARG A 66 -13.22 3.40 -3.47
CA ARG A 66 -13.66 3.95 -4.76
C ARG A 66 -14.70 3.08 -5.47
N VAL A 67 -15.89 3.62 -5.68
CA VAL A 67 -16.91 2.89 -6.41
C VAL A 67 -16.26 2.67 -7.76
N THR A 68 -16.21 1.43 -8.21
CA THR A 68 -15.56 1.09 -9.48
C THR A 68 -16.51 0.38 -10.44
N PRO A 69 -17.24 1.16 -11.27
CA PRO A 69 -18.18 0.61 -12.24
C PRO A 69 -17.49 -0.29 -13.27
N ALA A 70 -18.25 -1.20 -13.87
CA ALA A 70 -17.69 -2.11 -14.86
C ALA A 70 -17.11 -1.34 -16.04
N ASP A 71 -17.66 -0.17 -16.31
CA ASP A 71 -17.20 0.65 -17.43
C ASP A 71 -15.96 1.47 -17.07
N GLN A 72 -15.44 1.28 -15.86
CA GLN A 72 -14.26 2.00 -15.42
C GLN A 72 -13.13 1.11 -14.90
N ILE A 73 -13.41 -0.17 -14.68
CA ILE A 73 -12.38 -1.07 -14.16
C ILE A 73 -11.15 -1.20 -15.07
N ASP A 74 -11.37 -1.25 -16.39
CA ASP A 74 -10.24 -1.36 -17.31
C ASP A 74 -9.34 -0.14 -17.29
N ILE A 75 -9.95 1.05 -17.22
CA ILE A 75 -9.18 2.30 -17.19
C ILE A 75 -8.41 2.40 -15.89
N ILE A 76 -9.07 2.03 -14.80
CA ILE A 76 -8.44 2.07 -13.46
C ILE A 76 -7.30 1.07 -13.41
N THR A 77 -7.52 -0.12 -13.97
CA THR A 77 -6.49 -1.14 -14.02
C THR A 77 -5.27 -0.58 -14.77
N GLY A 78 -5.53 0.14 -15.85
CA GLY A 78 -4.45 0.72 -16.63
C GLY A 78 -3.62 1.71 -15.84
N ALA A 79 -4.29 2.61 -15.13
CA ALA A 79 -3.61 3.61 -14.34
C ALA A 79 -2.83 3.02 -13.16
N LEU A 80 -3.42 2.05 -12.48
CA LEU A 80 -2.79 1.43 -11.32
C LEU A 80 -1.84 0.28 -11.64
N ALA A 81 -2.35 -0.72 -12.34
CA ALA A 81 -1.52 -1.88 -12.68
C ALA A 81 -0.51 -1.56 -13.78
N GLY A 82 -0.80 -0.54 -14.59
CA GLY A 82 0.11 -0.18 -15.66
C GLY A 82 1.01 1.01 -15.37
N THR A 83 0.44 2.21 -15.46
CA THR A 83 1.20 3.44 -15.24
C THR A 83 1.92 3.52 -13.90
N ALA A 84 1.17 3.39 -12.80
CA ALA A 84 1.76 3.48 -11.48
C ALA A 84 2.83 2.42 -11.25
N ASN A 85 2.51 1.17 -11.58
CA ASN A 85 3.45 0.08 -11.37
C ASN A 85 4.71 0.26 -12.21
N LYS A 86 4.55 0.54 -13.50
CA LYS A 86 5.71 0.68 -14.36
C LYS A 86 6.54 1.93 -14.09
N THR A 87 5.90 2.97 -13.53
CA THR A 87 6.64 4.17 -13.18
C THR A 87 7.62 3.81 -12.08
N LEU A 88 7.14 3.02 -11.09
CA LEU A 88 7.99 2.60 -9.99
C LEU A 88 9.09 1.64 -10.46
N LEU A 89 8.76 0.81 -11.44
CA LEU A 89 9.74 -0.13 -12.00
C LEU A 89 10.85 0.66 -12.71
N ALA A 90 10.47 1.79 -13.30
CA ALA A 90 11.43 2.64 -14.01
C ALA A 90 12.38 3.30 -13.02
N TRP A 91 11.86 3.76 -11.89
CA TRP A 91 12.72 4.37 -10.89
C TRP A 91 13.65 3.31 -10.29
N ALA A 92 13.15 2.09 -10.15
CA ALA A 92 13.98 1.01 -9.62
C ALA A 92 15.13 0.78 -10.59
N LYS A 93 14.82 0.69 -11.88
CA LYS A 93 15.83 0.48 -12.91
C LYS A 93 16.88 1.59 -12.91
N LYS A 94 16.42 2.83 -12.76
CA LYS A 94 17.30 3.99 -12.74
C LYS A 94 18.31 3.87 -11.59
N HIS A 95 17.92 3.19 -10.52
CA HIS A 95 18.80 3.01 -9.36
C HIS A 95 19.44 1.62 -9.29
N GLN A 96 19.52 0.96 -10.44
CA GLN A 96 20.12 -0.36 -10.56
C GLN A 96 19.54 -1.45 -9.67
N ILE A 97 18.25 -1.32 -9.37
CA ILE A 97 17.56 -2.31 -8.54
C ILE A 97 16.86 -3.28 -9.48
N ALA A 98 17.09 -4.57 -9.31
CA ALA A 98 16.44 -5.57 -10.14
C ALA A 98 15.07 -5.80 -9.53
N ALA A 99 14.05 -5.16 -10.12
CA ALA A 99 12.69 -5.29 -9.63
C ALA A 99 11.85 -6.11 -10.59
N VAL A 100 10.71 -6.57 -10.11
CA VAL A 100 9.77 -7.34 -10.93
C VAL A 100 8.38 -6.85 -10.56
N GLY A 101 7.65 -6.35 -11.55
CA GLY A 101 6.31 -5.86 -11.29
C GLY A 101 5.29 -6.98 -11.26
N LEU A 102 4.36 -6.91 -10.32
CA LEU A 102 3.31 -7.92 -10.18
C LEU A 102 2.00 -7.25 -9.79
N PHE A 103 0.90 -7.98 -9.93
CA PHE A 103 -0.38 -7.49 -9.45
C PHE A 103 -0.84 -8.62 -8.51
N LEU A 104 -1.89 -8.39 -7.73
CA LEU A 104 -2.32 -9.38 -6.75
C LEU A 104 -2.57 -10.80 -7.26
N GLY A 105 -2.98 -10.94 -8.50
CA GLY A 105 -3.26 -12.26 -9.05
C GLY A 105 -2.04 -13.10 -9.41
N ASP A 106 -0.90 -12.47 -9.64
CA ASP A 106 0.30 -13.22 -9.99
C ASP A 106 0.65 -14.20 -8.88
N GLY A 107 0.73 -15.48 -9.23
CA GLY A 107 1.04 -16.51 -8.23
C GLY A 107 -0.03 -16.59 -7.15
N ASP A 108 -1.22 -16.08 -7.44
CA ASP A 108 -2.33 -16.07 -6.48
C ASP A 108 -1.81 -15.56 -5.13
N SER A 109 -0.97 -14.53 -5.19
CA SER A 109 -0.36 -13.94 -4.00
C SER A 109 -1.39 -13.45 -2.99
N VAL A 110 -2.43 -12.81 -3.49
CA VAL A 110 -3.52 -12.29 -2.66
C VAL A 110 -4.84 -12.66 -3.34
N LYS A 111 -5.70 -13.37 -2.62
CA LYS A 111 -6.98 -13.77 -3.18
C LYS A 111 -7.97 -12.63 -3.08
N VAL A 112 -8.75 -12.43 -4.14
CA VAL A 112 -9.71 -11.36 -4.17
C VAL A 112 -11.10 -11.83 -4.62
N THR A 113 -12.13 -11.27 -3.98
CA THR A 113 -13.51 -11.57 -4.32
C THR A 113 -14.23 -10.22 -4.35
N GLN A 114 -15.42 -10.18 -4.92
CA GLN A 114 -16.17 -8.94 -4.96
C GLN A 114 -16.64 -8.62 -3.55
N LEU A 115 -16.28 -7.44 -3.07
CA LEU A 115 -16.65 -7.03 -1.72
C LEU A 115 -18.11 -6.65 -1.55
N ASP A 116 -18.63 -5.85 -2.47
CA ASP A 116 -20.00 -5.36 -2.36
C ASP A 116 -20.54 -4.95 -3.73
N GLU A 117 -21.68 -5.51 -4.12
CA GLU A 117 -22.25 -5.17 -5.41
C GLU A 117 -22.45 -3.66 -5.57
N GLU A 118 -22.65 -2.97 -4.45
CA GLU A 118 -22.84 -1.52 -4.49
C GLU A 118 -21.56 -0.76 -4.83
N LEU A 119 -20.42 -1.44 -4.70
CA LEU A 119 -19.13 -0.82 -5.01
C LEU A 119 -18.63 -1.18 -6.39
N GLY A 120 -19.29 -2.15 -7.02
CA GLY A 120 -18.88 -2.56 -8.34
C GLY A 120 -17.66 -3.46 -8.25
N HIS A 121 -16.69 -3.23 -9.12
CA HIS A 121 -15.49 -4.05 -9.16
C HIS A 121 -14.44 -3.68 -8.11
N VAL A 122 -14.85 -3.68 -6.85
CA VAL A 122 -13.92 -3.39 -5.77
C VAL A 122 -13.70 -4.74 -5.10
N GLY A 123 -12.45 -5.12 -4.89
CA GLY A 123 -12.20 -6.41 -4.29
C GLY A 123 -11.92 -6.44 -2.80
N LEU A 124 -12.26 -7.57 -2.19
CA LEU A 124 -12.01 -7.83 -0.79
C LEU A 124 -10.76 -8.70 -0.85
N ALA A 125 -9.65 -8.20 -0.32
CA ALA A 125 -8.40 -8.94 -0.34
C ALA A 125 -8.20 -9.83 0.87
N GLN A 126 -7.68 -11.03 0.62
CA GLN A 126 -7.40 -11.97 1.70
C GLN A 126 -6.11 -12.71 1.37
N PRO A 127 -5.44 -13.28 2.38
CA PRO A 127 -4.18 -14.00 2.15
C PRO A 127 -4.20 -15.02 1.03
N GLY A 128 -3.10 -15.09 0.29
CA GLY A 128 -2.99 -16.03 -0.81
C GLY A 128 -1.76 -16.89 -0.63
N SER A 129 -1.10 -17.23 -1.73
CA SER A 129 0.11 -18.05 -1.70
C SER A 129 1.39 -17.22 -1.76
N PRO A 130 2.36 -17.50 -0.88
CA PRO A 130 3.63 -16.77 -0.85
C PRO A 130 4.71 -17.38 -1.73
N LYS A 131 4.38 -18.52 -2.34
CA LYS A 131 5.35 -19.24 -3.17
C LYS A 131 6.06 -18.41 -4.24
N LEU A 132 5.32 -17.73 -5.10
CA LEU A 132 5.94 -16.93 -6.16
C LEU A 132 6.84 -15.84 -5.60
N ILE A 133 6.29 -15.00 -4.73
CA ILE A 133 7.07 -13.91 -4.18
C ILE A 133 8.27 -14.40 -3.38
N ASN A 134 8.12 -15.48 -2.64
CA ASN A 134 9.25 -16.01 -1.87
C ASN A 134 10.36 -16.44 -2.82
N SER A 135 9.99 -17.02 -3.96
CA SER A 135 11.00 -17.46 -4.91
C SER A 135 11.72 -16.27 -5.54
N LEU A 136 10.97 -15.20 -5.80
CA LEU A 136 11.55 -13.99 -6.39
C LEU A 136 12.49 -13.34 -5.38
N LEU A 137 12.09 -13.31 -4.11
CA LEU A 137 12.92 -12.72 -3.07
C LEU A 137 14.20 -13.53 -2.89
N GLU A 138 14.08 -14.84 -2.92
CA GLU A 138 15.23 -15.72 -2.76
C GLU A 138 16.21 -15.55 -3.91
N ASN A 139 15.68 -15.20 -5.08
CA ASN A 139 16.52 -15.00 -6.27
C ASN A 139 17.07 -13.58 -6.34
N GLY A 140 16.74 -12.76 -5.35
CA GLY A 140 17.25 -11.41 -5.30
C GLY A 140 16.51 -10.28 -6.00
N TYR A 141 15.24 -10.50 -6.35
CA TYR A 141 14.46 -9.45 -6.99
C TYR A 141 13.65 -8.67 -5.98
N LEU A 142 13.26 -7.44 -6.37
CA LEU A 142 12.43 -6.60 -5.53
C LEU A 142 11.03 -6.59 -6.13
N PRO A 143 10.09 -7.34 -5.54
CA PRO A 143 8.73 -7.35 -6.08
C PRO A 143 8.04 -6.02 -5.84
N VAL A 144 7.43 -5.45 -6.89
CA VAL A 144 6.69 -4.19 -6.80
C VAL A 144 5.28 -4.57 -7.21
N VAL A 145 4.38 -4.62 -6.24
CA VAL A 145 3.01 -5.08 -6.44
C VAL A 145 1.89 -4.03 -6.42
N SER A 146 1.09 -4.02 -7.48
CA SER A 146 -0.04 -3.08 -7.56
C SER A 146 -1.24 -3.67 -6.82
N SER A 147 -2.26 -2.85 -6.57
CA SER A 147 -3.42 -3.32 -5.84
C SER A 147 -4.59 -3.79 -6.71
N ILE A 148 -4.33 -4.10 -7.97
CA ILE A 148 -5.37 -4.62 -8.84
C ILE A 148 -5.31 -6.14 -8.62
N GLY A 149 -6.46 -6.80 -8.57
CA GLY A 149 -6.49 -8.24 -8.39
C GLY A 149 -7.46 -8.86 -9.37
N VAL A 150 -7.67 -10.17 -9.27
CA VAL A 150 -8.61 -10.83 -10.18
C VAL A 150 -9.30 -12.00 -9.45
N THR A 151 -10.61 -12.14 -9.66
CA THR A 151 -11.37 -13.21 -9.04
C THR A 151 -11.10 -14.51 -9.77
N ASP A 152 -11.42 -15.64 -9.14
CA ASP A 152 -11.20 -16.93 -9.77
C ASP A 152 -12.00 -17.06 -11.06
N GLU A 153 -13.03 -16.23 -11.21
CA GLU A 153 -13.87 -16.26 -12.40
C GLU A 153 -13.31 -15.35 -13.50
N GLY A 154 -12.19 -14.70 -13.22
CA GLY A 154 -11.59 -13.83 -14.22
C GLY A 154 -12.04 -12.39 -14.25
N GLN A 155 -12.63 -11.89 -13.16
CA GLN A 155 -13.07 -10.50 -13.14
C GLN A 155 -12.04 -9.61 -12.43
N LEU A 156 -11.57 -8.58 -13.12
CA LEU A 156 -10.60 -7.67 -12.53
C LEU A 156 -11.23 -6.92 -11.37
N MET A 157 -10.45 -6.74 -10.30
CA MET A 157 -10.94 -6.05 -9.11
C MET A 157 -9.98 -4.96 -8.64
N ASN A 158 -10.55 -3.84 -8.21
CA ASN A 158 -9.78 -2.72 -7.71
C ASN A 158 -9.76 -2.88 -6.20
N VAL A 159 -8.58 -3.04 -5.62
CA VAL A 159 -8.47 -3.22 -4.18
C VAL A 159 -7.76 -2.02 -3.55
N ASN A 160 -8.27 -1.54 -2.43
CA ASN A 160 -7.64 -0.42 -1.74
C ASN A 160 -6.23 -0.92 -1.41
N ALA A 161 -5.21 -0.11 -1.72
CA ALA A 161 -3.82 -0.50 -1.52
C ALA A 161 -3.42 -0.84 -0.08
N ASP A 162 -4.04 -0.18 0.91
CA ASP A 162 -3.72 -0.47 2.30
C ASP A 162 -4.18 -1.88 2.63
N GLN A 163 -5.39 -2.24 2.19
CA GLN A 163 -5.93 -3.56 2.45
C GLN A 163 -5.14 -4.60 1.67
N ALA A 164 -4.70 -4.25 0.48
CA ALA A 164 -3.91 -5.17 -0.34
C ALA A 164 -2.59 -5.43 0.37
N ALA A 165 -1.96 -4.38 0.89
CA ALA A 165 -0.69 -4.50 1.59
C ALA A 165 -0.82 -5.39 2.82
N THR A 166 -1.92 -5.23 3.56
CA THR A 166 -2.11 -6.03 4.76
C THR A 166 -2.31 -7.51 4.42
N ALA A 167 -3.07 -7.78 3.36
CA ALA A 167 -3.31 -9.16 2.96
C ALA A 167 -2.00 -9.79 2.51
N LEU A 168 -1.15 -9.02 1.83
CA LEU A 168 0.13 -9.57 1.38
C LEU A 168 1.05 -9.79 2.58
N ALA A 169 0.97 -8.89 3.57
CA ALA A 169 1.80 -9.03 4.76
C ALA A 169 1.47 -10.35 5.46
N ALA A 170 0.18 -10.66 5.56
CA ALA A 170 -0.25 -11.91 6.18
C ALA A 170 0.26 -13.11 5.37
N THR A 171 0.14 -13.01 4.06
CA THR A 171 0.58 -14.06 3.13
C THR A 171 2.06 -14.39 3.26
N LEU A 172 2.89 -13.36 3.36
CA LEU A 172 4.34 -13.51 3.45
C LEU A 172 4.89 -13.49 4.87
N GLY A 173 4.05 -13.18 5.84
CA GLY A 173 4.51 -13.10 7.22
C GLY A 173 5.50 -11.96 7.29
N ALA A 174 5.20 -10.88 6.59
CA ALA A 174 6.08 -9.72 6.51
C ALA A 174 5.77 -8.57 7.46
N ASP A 175 6.82 -7.79 7.76
CA ASP A 175 6.68 -6.62 8.59
C ASP A 175 6.00 -5.64 7.62
N LEU A 176 5.35 -4.62 8.14
CA LEU A 176 4.64 -3.68 7.27
C LEU A 176 4.76 -2.21 7.63
N ILE A 177 5.00 -1.37 6.62
CA ILE A 177 5.07 0.07 6.79
C ILE A 177 4.17 0.72 5.75
N LEU A 178 3.22 1.54 6.20
CA LEU A 178 2.30 2.22 5.30
C LEU A 178 2.73 3.69 5.19
N LEU A 179 3.26 4.07 4.03
CA LEU A 179 3.71 5.45 3.81
C LEU A 179 2.66 6.28 3.11
N SER A 180 2.39 7.48 3.63
CA SER A 180 1.38 8.37 3.07
C SER A 180 1.85 9.83 3.00
N ASP A 181 0.94 10.71 2.60
CA ASP A 181 1.24 12.13 2.46
C ASP A 181 1.36 12.84 3.81
N VAL A 182 0.85 12.22 4.88
CA VAL A 182 0.90 12.82 6.20
C VAL A 182 1.73 11.99 7.19
N SER A 183 2.19 12.63 8.25
CA SER A 183 3.00 11.97 9.26
C SER A 183 2.17 11.15 10.25
N GLY A 184 1.55 10.09 9.74
CA GLY A 184 0.74 9.23 10.58
C GLY A 184 -0.70 9.71 10.70
N ILE A 185 -1.40 9.21 11.71
CA ILE A 185 -2.79 9.59 11.94
C ILE A 185 -2.78 10.87 12.77
N LEU A 186 -3.54 11.87 12.32
CA LEU A 186 -3.60 13.16 13.01
C LEU A 186 -4.83 13.27 13.89
N ASP A 187 -4.72 14.03 14.99
CA ASP A 187 -5.85 14.20 15.88
C ASP A 187 -6.73 15.37 15.42
N GLY A 188 -7.70 15.75 16.26
CA GLY A 188 -8.60 16.82 15.92
C GLY A 188 -7.95 18.17 15.68
N LYS A 189 -6.70 18.30 16.12
CA LYS A 189 -5.97 19.56 15.95
C LYS A 189 -4.90 19.42 14.87
N GLY A 190 -4.98 18.34 14.11
CA GLY A 190 -4.02 18.11 13.04
C GLY A 190 -2.64 17.70 13.51
N GLN A 191 -2.52 17.26 14.76
CA GLN A 191 -1.23 16.83 15.29
C GLN A 191 -1.05 15.32 15.23
N ARG A 192 0.18 14.89 14.96
CA ARG A 192 0.52 13.48 14.87
C ARG A 192 0.21 12.70 16.14
N ILE A 193 -0.39 11.51 15.98
CA ILE A 193 -0.70 10.65 17.12
C ILE A 193 0.39 9.58 17.11
N ALA A 194 1.23 9.58 18.14
CA ALA A 194 2.35 8.63 18.23
C ALA A 194 1.99 7.15 18.24
N GLU A 195 1.06 6.76 19.09
CA GLU A 195 0.67 5.36 19.19
C GLU A 195 -0.83 5.14 19.04
N MET A 196 -1.20 3.99 18.51
CA MET A 196 -2.59 3.67 18.27
C MET A 196 -2.98 2.26 18.67
N THR A 197 -4.15 2.12 19.27
CA THR A 197 -4.68 0.84 19.68
C THR A 197 -6.07 0.75 19.06
N ALA A 198 -6.68 -0.43 19.11
CA ALA A 198 -8.01 -0.61 18.56
C ALA A 198 -9.00 0.28 19.32
N ALA A 199 -8.86 0.33 20.65
CA ALA A 199 -9.74 1.15 21.47
C ALA A 199 -9.66 2.62 21.09
N LYS A 200 -8.45 3.14 20.96
CA LYS A 200 -8.26 4.54 20.60
C LYS A 200 -8.81 4.84 19.22
N ALA A 201 -8.58 3.93 18.28
CA ALA A 201 -9.06 4.09 16.92
C ALA A 201 -10.58 4.18 16.91
N GLU A 202 -11.23 3.32 17.70
CA GLU A 202 -12.69 3.33 17.78
C GLU A 202 -13.16 4.70 18.30
N GLN A 203 -12.49 5.17 19.35
CA GLN A 203 -12.82 6.46 19.94
C GLN A 203 -12.70 7.59 18.91
N LEU A 204 -11.56 7.68 18.25
CA LEU A 204 -11.33 8.72 17.25
C LEU A 204 -12.32 8.63 16.09
N ILE A 205 -12.74 7.41 15.74
CA ILE A 205 -13.68 7.23 14.66
C ILE A 205 -15.07 7.69 15.12
N GLU A 206 -15.42 7.38 16.36
CA GLU A 206 -16.72 7.78 16.91
C GLU A 206 -16.80 9.31 16.95
N GLN A 207 -15.67 9.95 17.23
CA GLN A 207 -15.60 11.40 17.34
C GLN A 207 -15.41 12.13 16.00
N GLY A 208 -15.33 11.38 14.91
CA GLY A 208 -15.17 11.99 13.60
C GLY A 208 -13.77 12.52 13.29
N ILE A 209 -12.79 12.18 14.12
CA ILE A 209 -11.42 12.64 13.88
C ILE A 209 -10.81 11.88 12.71
N ILE A 210 -10.96 10.55 12.73
CA ILE A 210 -10.45 9.70 11.66
C ILE A 210 -11.60 9.50 10.68
N THR A 211 -11.40 9.87 9.42
CA THR A 211 -12.45 9.75 8.42
C THR A 211 -11.91 9.31 7.06
N ASP A 212 -12.84 9.13 6.12
CA ASP A 212 -12.52 8.75 4.75
C ASP A 212 -11.48 7.61 4.65
N GLY A 213 -10.49 7.76 3.79
CA GLY A 213 -9.47 6.74 3.60
C GLY A 213 -8.65 6.39 4.82
N MET A 214 -8.63 7.27 5.82
CA MET A 214 -7.86 6.98 7.02
C MET A 214 -8.52 5.91 7.88
N ILE A 215 -9.84 5.79 7.77
CA ILE A 215 -10.54 4.78 8.55
C ILE A 215 -10.13 3.42 7.94
N VAL A 216 -10.05 3.38 6.62
CA VAL A 216 -9.66 2.17 5.92
C VAL A 216 -8.19 1.87 6.23
N LYS A 217 -7.37 2.92 6.27
CA LYS A 217 -5.95 2.76 6.54
C LYS A 217 -5.68 2.24 7.95
N VAL A 218 -6.29 2.84 8.95
CA VAL A 218 -6.07 2.40 10.33
C VAL A 218 -6.63 1.01 10.57
N ASN A 219 -7.77 0.70 9.95
CA ASN A 219 -8.37 -0.62 10.13
C ASN A 219 -7.47 -1.69 9.50
N ALA A 220 -6.84 -1.34 8.39
CA ALA A 220 -5.95 -2.26 7.71
C ALA A 220 -4.70 -2.49 8.56
N ALA A 221 -4.17 -1.40 9.12
CA ALA A 221 -2.98 -1.51 9.97
C ALA A 221 -3.25 -2.33 11.22
N LEU A 222 -4.40 -2.09 11.86
CA LEU A 222 -4.76 -2.84 13.06
C LEU A 222 -4.92 -4.32 12.74
N ASP A 223 -5.48 -4.60 11.57
CA ASP A 223 -5.69 -5.97 11.14
C ASP A 223 -4.33 -6.66 10.98
N ALA A 224 -3.38 -5.95 10.36
CA ALA A 224 -2.05 -6.49 10.15
C ALA A 224 -1.34 -6.73 11.48
N ALA A 225 -1.46 -5.77 12.38
CA ALA A 225 -0.82 -5.85 13.69
C ALA A 225 -1.30 -7.05 14.50
N ARG A 226 -2.61 -7.32 14.48
CA ARG A 226 -3.12 -8.45 15.25
C ARG A 226 -2.84 -9.78 14.55
N THR A 227 -2.80 -9.76 13.22
CA THR A 227 -2.55 -10.98 12.46
C THR A 227 -1.09 -11.42 12.58
N LEU A 228 -0.18 -10.46 12.53
CA LEU A 228 1.25 -10.72 12.62
C LEU A 228 1.75 -10.73 14.07
N GLY A 229 1.02 -10.06 14.95
CA GLY A 229 1.45 -9.99 16.35
C GLY A 229 2.65 -9.05 16.40
N ARG A 230 2.68 -8.12 15.44
CA ARG A 230 3.76 -7.16 15.31
C ARG A 230 3.21 -5.75 15.08
N PRO A 231 3.95 -4.74 15.57
CA PRO A 231 3.49 -3.36 15.37
C PRO A 231 3.59 -2.98 13.91
N VAL A 232 2.68 -2.10 13.47
CA VAL A 232 2.69 -1.62 12.09
C VAL A 232 2.71 -0.10 12.14
N ASP A 233 3.54 0.52 11.30
CA ASP A 233 3.64 1.97 11.29
C ASP A 233 2.99 2.61 10.08
N ILE A 234 2.43 3.79 10.32
CA ILE A 234 1.83 4.62 9.28
C ILE A 234 2.71 5.88 9.36
N ALA A 235 3.42 6.17 8.29
CA ALA A 235 4.31 7.33 8.30
C ALA A 235 4.35 8.05 6.95
N SER A 236 5.07 9.16 6.91
CA SER A 236 5.18 9.96 5.71
C SER A 236 6.41 9.66 4.87
N TRP A 237 6.29 9.89 3.56
CA TRP A 237 7.36 9.68 2.60
C TRP A 237 7.89 11.04 2.15
N ARG A 238 7.32 12.11 2.71
CA ARG A 238 7.69 13.48 2.34
C ARG A 238 9.06 14.00 2.77
N HIS A 239 9.47 13.67 3.99
CA HIS A 239 10.74 14.20 4.50
C HIS A 239 11.95 13.28 4.34
N ALA A 240 12.77 13.61 3.34
CA ALA A 240 13.97 12.88 3.00
C ALA A 240 14.86 12.51 4.17
N GLU A 241 15.11 13.46 5.05
CA GLU A 241 15.98 13.22 6.20
C GLU A 241 15.47 12.15 7.16
N GLN A 242 14.15 11.91 7.13
CA GLN A 242 13.56 10.93 8.02
C GLN A 242 13.50 9.52 7.44
N LEU A 243 13.62 9.42 6.12
CA LEU A 243 13.53 8.13 5.45
C LEU A 243 14.48 7.03 5.95
N PRO A 244 15.77 7.33 6.13
CA PRO A 244 16.67 6.27 6.61
C PRO A 244 16.29 5.66 7.96
N ALA A 245 16.05 6.51 8.95
CA ALA A 245 15.68 6.04 10.28
C ALA A 245 14.35 5.31 10.25
N LEU A 246 13.44 5.81 9.42
CA LEU A 246 12.12 5.22 9.29
C LEU A 246 12.22 3.76 8.84
N PHE A 247 12.92 3.53 7.73
CA PHE A 247 13.09 2.18 7.21
C PHE A 247 13.85 1.27 8.18
N ASN A 248 14.54 1.86 9.15
CA ASN A 248 15.30 1.07 10.11
C ASN A 248 14.52 0.78 11.39
N GLY A 249 13.21 1.04 11.36
CA GLY A 249 12.37 0.76 12.52
C GLY A 249 12.07 1.88 13.49
N MET A 250 12.65 3.06 13.26
CA MET A 250 12.40 4.20 14.15
C MET A 250 10.99 4.75 13.91
N PRO A 251 10.17 4.84 14.97
CA PRO A 251 8.81 5.35 14.85
C PRO A 251 8.80 6.82 14.42
N MET A 252 8.31 7.08 13.22
CA MET A 252 8.25 8.44 12.68
C MET A 252 6.82 8.96 12.48
N GLY A 253 5.85 8.09 12.70
CA GLY A 253 4.47 8.49 12.53
C GLY A 253 3.61 7.90 13.62
N THR A 254 2.64 7.10 13.22
CA THR A 254 1.75 6.46 14.17
C THR A 254 2.04 4.97 14.20
N ARG A 255 2.38 4.45 15.37
CA ARG A 255 2.67 3.04 15.51
C ARG A 255 1.43 2.33 16.02
N ILE A 256 0.93 1.39 15.23
CA ILE A 256 -0.24 0.61 15.58
C ILE A 256 0.19 -0.56 16.45
N LEU A 257 -0.36 -0.63 17.65
CA LEU A 257 -0.05 -1.69 18.60
C LEU A 257 -1.17 -2.72 18.63
N ALA A 258 -0.82 -3.97 18.34
CA ALA A 258 -1.78 -5.07 18.33
C ALA A 258 -3.15 -4.67 17.78
PB ADP B . -3.15 6.90 0.76
O1B ADP B . -3.64 5.62 1.42
O2B ADP B . -1.94 7.53 1.38
O3B ADP B . -2.99 6.70 -0.77
PA ADP B . -5.67 8.05 1.69
O1A ADP B . -6.41 9.23 1.17
O2A ADP B . -6.41 6.80 1.63
O3A ADP B . -4.32 7.95 0.77
O5' ADP B . -5.29 8.33 3.21
C5' ADP B . -4.54 9.49 3.64
C4' ADP B . -5.44 10.68 3.84
O4' ADP B . -6.44 10.46 4.87
C3' ADP B . -4.73 11.99 4.30
O3' ADP B . -4.11 12.54 3.08
C2' ADP B . -5.95 12.78 4.86
O2' ADP B . -6.45 13.71 3.86
C1' ADP B . -7.01 11.72 5.23
N9 ADP B . -7.28 11.73 6.67
C8 ADP B . -8.56 11.76 7.20
N7 ADP B . -8.69 11.76 8.47
C5 ADP B . -7.40 11.74 8.87
C6 ADP B . -6.85 11.72 10.16
N6 ADP B . -7.48 11.73 11.36
N1 ADP B . -5.44 11.70 10.27
C2 ADP B . -4.65 11.68 9.11
N3 ADP B . -5.05 11.69 7.84
C4 ADP B . -6.50 11.72 7.78
CA NLG C . -8.00 2.36 -4.57
C NLG C . -8.34 3.35 -5.43
OXT NLG C . -8.94 3.28 -6.67
O NLG C . -8.19 4.61 -5.28
CB NLG C . -6.71 1.71 -5.06
CG NLG C . -5.45 2.71 -5.08
CD NLG C . -5.01 3.22 -3.78
OE1 NLG C . -5.20 2.70 -2.67
OE2 NLG C . -4.51 4.35 -3.93
C7 NLG C . -10.21 1.30 -3.99
C8 NLG C . -11.08 0.33 -4.15
O7 NLG C . -10.46 2.23 -3.18
N2 NLG C . -9.21 1.42 -4.51
AL ALF D . -3.60 5.64 -2.20
F1 ALF D . -2.22 6.08 -3.22
F2 ALF D . -5.08 5.14 -1.39
F3 ALF D . -2.86 4.09 -1.66
F4 ALF D . -4.35 7.12 -2.82
MG MG E . -5.82 4.85 1.01
#